data_3HKJ
#
_entry.id   3HKJ
#
_cell.length_a   53.140
_cell.length_b   61.783
_cell.length_c   67.834
_cell.angle_alpha   98.78
_cell.angle_beta   110.28
_cell.angle_gamma   92.95
#
_symmetry.space_group_name_H-M   'P 1'
#
loop_
_entity.id
_entity.type
_entity.pdbx_description
1 polymer 'Thrombin light chain'
2 polymer 'Thrombin heavy chain'
3 polymer 'Proteinase-activated receptor 1'
4 non-polymer 2-acetamido-2-deoxy-beta-D-glucopyranose
5 water water
#
loop_
_entity_poly.entity_id
_entity_poly.type
_entity_poly.pdbx_seq_one_letter_code
_entity_poly.pdbx_strand_id
1 'polypeptide(L)' EADCGLRPLFEKKSLEDKTERELLESYIDGR A,D
2 'polypeptide(L)'
;IVEGSDAEIGMSPWQVMLFRKSPQELLCGASLISDRWVLTAAHCLLYPPWDKNFTENDLLVRIGKHSRTRYERNIEKISM
LEKIYIHPRYNWRENLDRDIALMKLKKPVAFSDYIHPVCLPDRETAASLLQAGYKGRVTGWGNLKETWTANVGKGQPSVL
QVVNLPIVERPVCKDSTRIRITDNMFCAGYKPDEGKRGDACEGDSGGPFVMKSPFNNRWYQMGIVSAGAGCDRDGKYGFY
THVFRLKKWIQKVIDQFGE
;
B,E
3 'polypeptide(L)' SFLLRNPNDKYEPFWEDEEKN C,F
#
loop_
_chem_comp.id
_chem_comp.type
_chem_comp.name
_chem_comp.formula
NAG D-saccharide, beta linking 2-acetamido-2-deoxy-beta-D-glucopyranose 'C8 H15 N O6'
#
# COMPACT_ATOMS: atom_id res chain seq x y z
N GLU A 1 -0.22 0.39 -11.22
CA GLU A 1 -0.29 1.88 -11.31
C GLU A 1 0.95 2.47 -12.00
N ALA A 2 0.83 3.71 -12.45
CA ALA A 2 1.94 4.41 -13.12
C ALA A 2 2.22 3.85 -14.50
N ASP A 3 2.46 2.54 -14.54
CA ASP A 3 2.78 1.86 -15.79
C ASP A 3 1.61 1.00 -16.28
N CYS A 4 0.50 1.09 -15.56
CA CYS A 4 -0.72 0.33 -15.86
C CYS A 4 -1.24 0.52 -17.28
N GLY A 5 -1.93 -0.51 -17.78
CA GLY A 5 -2.55 -0.44 -19.10
C GLY A 5 -1.72 -0.50 -20.36
N LEU A 6 -0.41 -0.70 -20.21
CA LEU A 6 0.47 -0.79 -21.37
C LEU A 6 1.03 -2.22 -21.45
N ARG A 7 0.57 -2.97 -22.45
CA ARG A 7 0.98 -4.36 -22.64
C ARG A 7 2.37 -4.49 -23.20
N PRO A 8 3.24 -5.25 -22.51
CA PRO A 8 4.62 -5.47 -22.93
C PRO A 8 4.77 -6.01 -24.35
N LEU A 9 3.96 -7.01 -24.71
CA LEU A 9 4.07 -7.57 -26.05
C LEU A 9 3.24 -6.82 -27.06
N PHE A 10 2.68 -5.68 -26.68
CA PHE A 10 1.87 -4.93 -27.62
C PHE A 10 2.15 -3.42 -27.61
N GLU A 11 1.53 -2.66 -26.72
CA GLU A 11 1.78 -1.22 -26.70
C GLU A 11 3.28 -0.90 -26.61
N LYS A 12 3.99 -1.62 -25.74
CA LYS A 12 5.41 -1.37 -25.56
C LYS A 12 6.31 -1.75 -26.72
N LYS A 13 5.84 -2.65 -27.57
CA LYS A 13 6.60 -3.09 -28.74
C LYS A 13 6.05 -2.36 -29.95
N SER A 14 5.05 -1.52 -29.71
CA SER A 14 4.41 -0.78 -30.79
C SER A 14 3.67 -1.75 -31.71
N LEU A 15 3.15 -2.83 -31.14
CA LEU A 15 2.39 -3.84 -31.89
C LEU A 15 0.93 -3.82 -31.45
N GLU A 16 0.02 -4.08 -32.39
CA GLU A 16 -1.41 -4.10 -32.08
C GLU A 16 -1.98 -5.50 -32.15
N ASP A 17 -3.03 -5.77 -31.39
CA ASP A 17 -3.63 -7.09 -31.45
C ASP A 17 -4.67 -7.07 -32.56
N LYS A 18 -5.05 -8.26 -33.03
CA LYS A 18 -6.00 -8.43 -34.13
C LYS A 18 -7.38 -7.79 -34.02
N THR A 19 -7.77 -7.26 -32.86
CA THR A 19 -9.10 -6.68 -32.78
C THR A 19 -9.25 -5.36 -32.04
N GLU A 20 -8.17 -4.80 -31.50
CA GLU A 20 -8.30 -3.55 -30.78
C GLU A 20 -8.83 -2.41 -31.64
N ARG A 21 -8.65 -2.52 -32.94
CA ARG A 21 -9.14 -1.47 -33.82
C ARG A 21 -10.66 -1.45 -33.86
N GLU A 22 -11.28 -2.60 -33.62
CA GLU A 22 -12.73 -2.64 -33.61
C GLU A 22 -13.20 -1.66 -32.56
N LEU A 23 -12.44 -1.60 -31.46
CA LEU A 23 -12.73 -0.71 -30.34
C LEU A 23 -12.62 0.75 -30.73
N LEU A 24 -11.46 1.13 -31.26
CA LEU A 24 -11.23 2.50 -31.68
C LEU A 24 -12.26 2.94 -32.73
N GLU A 25 -12.64 2.05 -33.62
CA GLU A 25 -13.62 2.40 -34.65
C GLU A 25 -14.98 2.66 -34.02
N SER A 26 -15.22 2.09 -32.83
CA SER A 26 -16.51 2.29 -32.19
C SER A 26 -16.60 3.67 -31.54
N TYR A 27 -15.45 4.24 -31.18
CA TYR A 27 -15.42 5.57 -30.54
C TYR A 27 -15.50 6.68 -31.58
N ILE A 28 -15.10 6.36 -32.81
CA ILE A 28 -15.10 7.33 -33.90
C ILE A 28 -16.19 7.04 -34.96
N ASP A 29 -16.17 5.80 -35.43
CA ASP A 29 -17.00 5.22 -36.49
C ASP A 29 -16.00 4.96 -37.61
N GLY A 30 -15.73 3.70 -37.92
CA GLY A 30 -14.76 3.42 -38.97
C GLY A 30 -15.44 3.18 -40.29
N ARG A 31 -15.22 4.06 -41.28
CA ARG A 31 -15.90 3.88 -42.54
C ARG A 31 -15.01 4.02 -43.75
N ILE B 1 -16.71 -17.44 -22.68
CA ILE B 1 -17.13 -16.44 -23.65
C ILE B 1 -17.81 -17.10 -24.86
N VAL B 2 -18.86 -16.47 -25.36
CA VAL B 2 -19.56 -16.98 -26.52
C VAL B 2 -19.24 -16.13 -27.75
N GLU B 3 -18.94 -16.80 -28.88
CA GLU B 3 -18.63 -16.11 -30.13
C GLU B 3 -17.38 -15.23 -30.13
N GLY B 4 -16.44 -15.53 -29.24
CA GLY B 4 -15.22 -14.77 -29.19
C GLY B 4 -14.15 -15.58 -29.90
N SER B 5 -12.91 -15.46 -29.44
CA SER B 5 -11.82 -16.21 -30.06
C SER B 5 -10.64 -16.33 -29.10
N ASP B 6 -9.67 -17.14 -29.48
CA ASP B 6 -8.47 -17.33 -28.68
C ASP B 6 -7.73 -16.01 -28.56
N ALA B 7 -7.39 -15.65 -27.33
CA ALA B 7 -6.68 -14.41 -27.08
C ALA B 7 -5.24 -14.63 -27.46
N GLU B 8 -4.59 -13.59 -27.99
CA GLU B 8 -3.19 -13.69 -28.37
C GLU B 8 -2.38 -13.74 -27.09
N ILE B 9 -1.13 -14.18 -27.20
CA ILE B 9 -0.26 -14.27 -26.04
C ILE B 9 -0.03 -12.89 -25.42
N GLY B 10 -0.33 -12.74 -24.13
CA GLY B 10 -0.13 -11.47 -23.47
C GLY B 10 -1.05 -10.35 -23.92
N MET B 11 -2.15 -10.72 -24.56
CA MET B 11 -3.13 -9.76 -25.06
C MET B 11 -3.92 -9.14 -23.90
N SER B 12 -3.98 -9.87 -22.79
CA SER B 12 -4.71 -9.46 -21.59
C SER B 12 -3.85 -9.86 -20.39
N PRO B 13 -2.67 -9.23 -20.26
CA PRO B 13 -1.75 -9.54 -19.16
C PRO B 13 -2.29 -9.35 -17.73
N TRP B 14 -3.40 -8.64 -17.58
CA TRP B 14 -4.00 -8.41 -16.27
C TRP B 14 -5.05 -9.44 -15.91
N GLN B 15 -5.36 -10.31 -16.85
CA GLN B 15 -6.35 -11.37 -16.64
C GLN B 15 -5.89 -12.30 -15.50
N VAL B 16 -6.80 -12.55 -14.56
CA VAL B 16 -6.50 -13.42 -13.43
C VAL B 16 -7.52 -14.56 -13.34
N MET B 17 -7.05 -15.71 -12.88
CA MET B 17 -7.91 -16.87 -12.74
C MET B 17 -8.12 -17.17 -11.27
N LEU B 18 -9.37 -17.05 -10.84
CA LEU B 18 -9.75 -17.37 -9.47
C LEU B 18 -9.87 -18.89 -9.49
N PHE B 19 -8.94 -19.55 -8.81
CA PHE B 19 -8.89 -21.00 -8.79
C PHE B 19 -9.33 -21.63 -7.46
N ARG B 20 -10.34 -22.50 -7.52
CA ARG B 20 -10.84 -23.17 -6.33
C ARG B 20 -9.88 -24.28 -5.95
N LYS B 21 -9.35 -24.21 -4.73
CA LYS B 21 -8.40 -25.21 -4.26
C LYS B 21 -8.93 -26.64 -4.27
N SER B 22 -10.17 -26.84 -3.81
CA SER B 22 -10.75 -28.17 -3.78
C SER B 22 -12.26 -28.20 -3.62
N PRO B 23 -12.97 -28.80 -4.59
CA PRO B 23 -12.40 -29.45 -5.78
C PRO B 23 -11.68 -28.44 -6.67
N GLN B 24 -10.57 -28.86 -7.27
CA GLN B 24 -9.77 -28.02 -8.17
C GLN B 24 -10.54 -27.61 -9.42
N GLU B 25 -10.86 -26.33 -9.54
CA GLU B 25 -11.59 -25.87 -10.70
C GLU B 25 -11.56 -24.34 -10.84
N LEU B 26 -11.92 -23.88 -12.02
CA LEU B 26 -12.00 -22.45 -12.31
C LEU B 26 -13.18 -21.91 -11.52
N LEU B 27 -12.93 -20.88 -10.70
CA LEU B 27 -13.98 -20.28 -9.90
C LEU B 27 -14.57 -19.12 -10.69
N CYS B 28 -13.72 -18.16 -11.03
CA CYS B 28 -14.12 -16.98 -11.77
C CYS B 28 -12.93 -16.31 -12.42
N GLY B 29 -13.21 -15.15 -12.99
CA GLY B 29 -12.16 -14.35 -13.61
C GLY B 29 -11.88 -13.24 -12.60
N ALA B 30 -10.87 -12.44 -12.90
CA ALA B 30 -10.49 -11.34 -12.01
C ALA B 30 -9.44 -10.54 -12.76
N SER B 31 -8.93 -9.49 -12.14
CA SER B 31 -7.93 -8.65 -12.79
C SER B 31 -6.88 -8.12 -11.83
N LEU B 32 -5.67 -7.94 -12.36
CA LEU B 32 -4.55 -7.45 -11.59
C LEU B 32 -4.53 -5.93 -11.72
N ILE B 33 -4.67 -5.23 -10.60
CA ILE B 33 -4.66 -3.78 -10.65
C ILE B 33 -3.39 -3.17 -10.04
N SER B 34 -2.56 -4.01 -9.43
CA SER B 34 -1.28 -3.63 -8.83
C SER B 34 -0.63 -4.93 -8.36
N ASP B 35 0.69 -4.94 -8.12
CA ASP B 35 1.37 -6.17 -7.71
C ASP B 35 0.85 -6.89 -6.47
N ARG B 36 -0.13 -6.31 -5.79
CA ARG B 36 -0.62 -6.94 -4.57
C ARG B 36 -2.15 -6.98 -4.49
N TRP B 37 -2.81 -6.35 -5.45
CA TRP B 37 -4.26 -6.29 -5.44
C TRP B 37 -4.97 -6.81 -6.69
N VAL B 38 -5.92 -7.72 -6.44
CA VAL B 38 -6.72 -8.33 -7.49
C VAL B 38 -8.19 -7.95 -7.30
N LEU B 39 -8.82 -7.53 -8.39
CA LEU B 39 -10.21 -7.10 -8.37
C LEU B 39 -11.10 -8.15 -9.00
N THR B 40 -12.25 -8.41 -8.37
CA THR B 40 -13.17 -9.39 -8.93
C THR B 40 -14.62 -9.08 -8.53
N ALA B 41 -15.53 -9.96 -8.91
CA ALA B 41 -16.94 -9.76 -8.56
C ALA B 41 -17.21 -10.40 -7.20
N ALA B 42 -18.04 -9.73 -6.41
CA ALA B 42 -18.40 -10.23 -5.08
C ALA B 42 -19.20 -11.54 -5.12
N HIS B 43 -20.09 -11.70 -6.10
CA HIS B 43 -20.90 -12.93 -6.15
C HIS B 43 -20.11 -14.20 -6.40
N CYS B 44 -18.88 -14.06 -6.85
CA CYS B 44 -18.02 -15.21 -7.10
C CYS B 44 -17.57 -15.78 -5.76
N LEU B 45 -17.51 -14.91 -4.76
CA LEU B 45 -17.08 -15.30 -3.42
C LEU B 45 -18.24 -15.50 -2.46
N LEU B 46 -19.13 -14.52 -2.41
CA LEU B 46 -20.26 -14.53 -1.49
C LEU B 46 -21.65 -14.61 -2.09
N TYR B 47 -22.39 -15.64 -1.70
CA TYR B 47 -23.77 -15.79 -2.12
C TYR B 47 -24.46 -16.80 -1.21
N PRO B 48 -25.00 -16.33 -0.08
CA PRO B 48 -25.70 -17.12 0.94
C PRO B 48 -26.85 -17.97 0.37
N PRO B 49 -27.65 -17.42 -0.54
CA PRO B 49 -28.75 -18.22 -1.10
C PRO B 49 -28.33 -19.65 -1.39
N TRP B 50 -27.07 -19.82 -1.80
CA TRP B 50 -26.52 -21.15 -2.11
C TRP B 50 -25.35 -21.40 -1.15
N ASP B 51 -25.43 -20.73 -0.01
CA ASP B 51 -24.41 -20.79 1.03
C ASP B 51 -22.99 -20.89 0.49
N LYS B 52 -22.63 -19.91 -0.33
CA LYS B 52 -21.31 -19.80 -0.92
C LYS B 52 -20.61 -18.73 -0.11
N ASN B 53 -19.51 -19.05 0.56
CA ASN B 53 -18.82 -18.02 1.32
C ASN B 53 -17.33 -18.35 1.40
N PHE B 54 -16.67 -18.38 0.24
CA PHE B 54 -15.25 -18.70 0.17
C PHE B 54 -14.35 -17.85 1.05
N THR B 55 -13.46 -18.53 1.79
CA THR B 55 -12.51 -17.86 2.67
C THR B 55 -11.17 -17.81 1.93
N GLU B 56 -10.26 -16.95 2.36
CA GLU B 56 -8.97 -16.84 1.70
C GLU B 56 -8.29 -18.18 1.42
N ASN B 57 -8.42 -19.12 2.36
CA ASN B 57 -7.80 -20.43 2.19
C ASN B 57 -8.45 -21.35 1.17
N ASP B 58 -9.64 -21.02 0.69
CA ASP B 58 -10.31 -21.87 -0.28
C ASP B 58 -9.89 -21.56 -1.70
N LEU B 59 -9.15 -20.47 -1.86
CA LEU B 59 -8.75 -20.05 -3.20
C LEU B 59 -7.28 -19.72 -3.40
N LEU B 60 -6.95 -19.60 -4.69
CA LEU B 60 -5.63 -19.22 -5.18
C LEU B 60 -5.89 -18.38 -6.42
N VAL B 61 -4.94 -17.53 -6.77
CA VAL B 61 -5.09 -16.73 -7.98
C VAL B 61 -3.95 -17.15 -8.90
N ARG B 62 -4.25 -17.32 -10.18
CA ARG B 62 -3.23 -17.68 -11.14
C ARG B 62 -3.17 -16.54 -12.15
N ILE B 63 -1.99 -15.94 -12.25
CA ILE B 63 -1.75 -14.80 -13.10
C ILE B 63 -0.86 -15.11 -14.29
N GLY B 64 -1.13 -14.44 -15.41
CA GLY B 64 -0.36 -14.64 -16.62
C GLY B 64 -0.66 -15.91 -17.41
N LYS B 65 -1.83 -16.49 -17.22
CA LYS B 65 -2.18 -17.72 -17.91
C LYS B 65 -2.81 -17.49 -19.28
N HIS B 66 -2.81 -18.54 -20.07
CA HIS B 66 -3.40 -18.55 -21.40
C HIS B 66 -4.20 -19.86 -21.44
N SER B 67 -3.47 -20.96 -21.41
CA SER B 67 -4.09 -22.27 -21.37
C SER B 67 -4.94 -22.33 -20.12
N ARG B 68 -6.12 -22.92 -20.25
CA ARG B 68 -7.03 -23.03 -19.14
C ARG B 68 -6.66 -24.14 -18.15
N THR B 69 -6.15 -25.26 -18.64
CA THR B 69 -5.84 -26.37 -17.75
C THR B 69 -4.39 -26.69 -17.47
N ARG B 70 -3.50 -26.32 -18.38
CA ARG B 70 -2.08 -26.61 -18.18
C ARG B 70 -1.40 -25.71 -17.17
N TYR B 71 -0.42 -26.27 -16.47
CA TYR B 71 0.37 -25.53 -15.50
C TYR B 71 1.44 -24.92 -16.39
N GLU B 72 1.29 -23.64 -16.70
CA GLU B 72 2.23 -22.96 -17.55
C GLU B 72 3.42 -22.47 -16.74
N ARG B 73 4.34 -23.39 -16.45
CA ARG B 73 5.52 -23.08 -15.67
C ARG B 73 6.39 -22.01 -16.30
N ASN B 74 7.00 -21.19 -15.45
CA ASN B 74 7.87 -20.09 -15.87
C ASN B 74 7.15 -19.07 -16.73
N ILE B 75 5.83 -19.00 -16.55
CA ILE B 75 4.97 -18.07 -17.26
C ILE B 75 3.91 -17.58 -16.28
N GLU B 76 3.03 -18.48 -15.88
CA GLU B 76 1.98 -18.11 -14.96
C GLU B 76 2.54 -17.97 -13.55
N LYS B 77 1.79 -17.35 -12.67
CA LYS B 77 2.23 -17.16 -11.30
C LYS B 77 1.06 -17.47 -10.37
N ILE B 78 1.30 -18.32 -9.37
CA ILE B 78 0.26 -18.69 -8.43
C ILE B 78 0.50 -17.96 -7.12
N SER B 79 -0.52 -17.29 -6.61
CA SER B 79 -0.40 -16.53 -5.38
C SER B 79 -1.49 -16.92 -4.41
N MET B 80 -1.18 -16.82 -3.13
CA MET B 80 -2.15 -17.12 -2.10
C MET B 80 -2.82 -15.80 -1.71
N LEU B 81 -3.97 -15.89 -1.06
CA LEU B 81 -4.72 -14.71 -0.65
C LEU B 81 -4.49 -14.32 0.80
N GLU B 82 -4.14 -13.06 1.03
CA GLU B 82 -3.93 -12.58 2.38
C GLU B 82 -5.29 -12.21 2.97
N LYS B 83 -6.10 -11.50 2.19
CA LYS B 83 -7.41 -11.10 2.65
C LYS B 83 -8.38 -10.76 1.52
N ILE B 84 -9.67 -10.96 1.79
CA ILE B 84 -10.73 -10.67 0.83
C ILE B 84 -11.58 -9.51 1.36
N TYR B 85 -11.94 -8.58 0.48
CA TYR B 85 -12.75 -7.43 0.89
C TYR B 85 -13.99 -7.24 0.00
N ILE B 86 -15.11 -7.80 0.44
CA ILE B 86 -16.38 -7.69 -0.26
C ILE B 86 -16.95 -6.30 0.02
N HIS B 87 -17.44 -5.61 -1.01
CA HIS B 87 -17.99 -4.28 -0.78
C HIS B 87 -19.05 -4.39 0.32
N PRO B 88 -19.02 -3.49 1.30
CA PRO B 88 -19.98 -3.50 2.42
C PRO B 88 -21.45 -3.38 2.04
N ARG B 89 -21.73 -2.84 0.86
CA ARG B 89 -23.11 -2.70 0.46
C ARG B 89 -23.48 -3.55 -0.73
N TYR B 90 -22.75 -4.66 -0.89
CA TYR B 90 -23.00 -5.62 -1.94
C TYR B 90 -24.40 -6.19 -1.70
N ASN B 91 -25.29 -5.94 -2.64
CA ASN B 91 -26.68 -6.40 -2.54
C ASN B 91 -26.94 -7.72 -3.29
N TRP B 92 -26.78 -8.84 -2.59
CA TRP B 92 -27.00 -10.14 -3.23
C TRP B 92 -28.45 -10.60 -3.14
N ARG B 93 -29.22 -10.01 -2.24
CA ARG B 93 -30.63 -10.37 -2.06
C ARG B 93 -31.46 -9.76 -3.18
N GLU B 94 -31.06 -8.59 -3.60
CA GLU B 94 -31.78 -7.85 -4.63
C GLU B 94 -31.31 -8.01 -6.08
N ASN B 95 -30.19 -7.37 -6.43
CA ASN B 95 -29.73 -7.40 -7.82
C ASN B 95 -28.22 -7.36 -8.05
N LEU B 96 -27.44 -7.86 -7.10
CA LEU B 96 -25.99 -7.83 -7.23
C LEU B 96 -25.47 -6.39 -7.40
N ASP B 97 -26.16 -5.43 -6.79
CA ASP B 97 -25.72 -4.05 -6.86
C ASP B 97 -24.39 -4.05 -6.12
N ARG B 98 -23.43 -3.29 -6.61
CA ARG B 98 -22.10 -3.22 -6.02
C ARG B 98 -21.50 -4.61 -5.91
N ASP B 99 -21.60 -5.35 -7.02
CA ASP B 99 -21.06 -6.70 -7.11
C ASP B 99 -19.56 -6.54 -7.33
N ILE B 100 -18.83 -6.30 -6.24
CA ILE B 100 -17.39 -6.09 -6.35
C ILE B 100 -16.64 -6.55 -5.10
N ALA B 101 -15.40 -6.97 -5.30
CA ALA B 101 -14.56 -7.42 -4.20
C ALA B 101 -13.11 -7.17 -4.51
N LEU B 102 -12.31 -7.03 -3.45
CA LEU B 102 -10.88 -6.84 -3.58
C LEU B 102 -10.18 -7.99 -2.86
N MET B 103 -9.05 -8.43 -3.42
CA MET B 103 -8.28 -9.51 -2.81
C MET B 103 -6.84 -9.07 -2.71
N LYS B 104 -6.31 -9.10 -1.50
CA LYS B 104 -4.92 -8.73 -1.27
C LYS B 104 -4.09 -10.00 -1.29
N LEU B 105 -3.07 -10.02 -2.15
CA LEU B 105 -2.22 -11.19 -2.26
C LEU B 105 -1.28 -11.26 -1.05
N LYS B 106 -0.75 -12.45 -0.77
CA LYS B 106 0.15 -12.62 0.35
C LYS B 106 1.47 -11.91 0.10
N LYS B 107 2.01 -12.10 -1.10
CA LYS B 107 3.26 -11.48 -1.48
C LYS B 107 3.04 -10.80 -2.81
N PRO B 108 3.75 -9.69 -3.06
CA PRO B 108 3.58 -8.98 -4.33
C PRO B 108 4.09 -9.84 -5.48
N VAL B 109 3.43 -9.75 -6.63
CA VAL B 109 3.83 -10.53 -7.79
C VAL B 109 4.67 -9.68 -8.73
N ALA B 110 5.69 -10.28 -9.34
CA ALA B 110 6.55 -9.57 -10.26
C ALA B 110 5.92 -9.54 -11.64
N PHE B 111 5.98 -8.39 -12.31
CA PHE B 111 5.40 -8.25 -13.62
C PHE B 111 6.28 -8.89 -14.68
N SER B 112 5.68 -9.26 -15.81
CA SER B 112 6.42 -9.89 -16.88
C SER B 112 5.73 -9.56 -18.19
N ASP B 113 6.10 -10.26 -19.25
CA ASP B 113 5.48 -10.02 -20.54
C ASP B 113 4.04 -10.54 -20.49
N TYR B 114 3.76 -11.36 -19.48
CA TYR B 114 2.45 -11.97 -19.33
C TYR B 114 1.68 -11.49 -18.11
N ILE B 115 2.37 -10.76 -17.25
CA ILE B 115 1.74 -10.26 -16.03
C ILE B 115 1.93 -8.75 -15.95
N HIS B 116 0.82 -8.03 -16.05
CA HIS B 116 0.86 -6.57 -16.02
C HIS B 116 -0.48 -5.95 -15.58
N PRO B 117 -0.44 -5.03 -14.60
CA PRO B 117 -1.66 -4.38 -14.09
C PRO B 117 -2.45 -3.56 -15.12
N VAL B 118 -3.77 -3.54 -14.96
CA VAL B 118 -4.62 -2.77 -15.85
C VAL B 118 -4.87 -1.45 -15.11
N CYS B 119 -5.28 -0.42 -15.84
CA CYS B 119 -5.56 0.87 -15.22
C CYS B 119 -7.00 0.97 -14.79
N LEU B 120 -7.22 1.78 -13.76
CA LEU B 120 -8.57 2.07 -13.28
C LEU B 120 -8.89 3.45 -13.87
N PRO B 121 -10.14 3.67 -14.28
CA PRO B 121 -10.49 4.97 -14.87
C PRO B 121 -10.64 6.12 -13.89
N ASP B 122 -10.38 7.32 -14.40
CA ASP B 122 -10.56 8.55 -13.63
C ASP B 122 -11.87 9.13 -14.15
N ARG B 123 -12.27 10.30 -13.68
CA ARG B 123 -13.54 10.88 -14.11
C ARG B 123 -13.68 11.13 -15.61
N GLU B 124 -12.73 11.85 -16.20
CA GLU B 124 -12.77 12.16 -17.63
C GLU B 124 -12.84 10.89 -18.50
N THR B 125 -11.90 9.98 -18.28
CA THR B 125 -11.87 8.74 -19.04
C THR B 125 -13.23 8.05 -18.99
N ALA B 126 -13.83 8.00 -17.81
CA ALA B 126 -15.14 7.39 -17.66
C ALA B 126 -16.17 8.20 -18.47
N ALA B 127 -16.04 9.53 -18.43
CA ALA B 127 -16.95 10.39 -19.16
C ALA B 127 -16.77 10.23 -20.68
N SER B 128 -15.53 10.20 -21.13
CA SER B 128 -15.23 10.06 -22.55
C SER B 128 -15.64 8.74 -23.16
N LEU B 129 -15.27 7.65 -22.49
CA LEU B 129 -15.52 6.30 -22.99
C LEU B 129 -16.84 5.61 -22.67
N LEU B 130 -17.43 5.89 -21.52
CA LEU B 130 -18.69 5.23 -21.19
C LEU B 130 -19.88 5.82 -21.93
N GLN B 131 -19.94 5.58 -23.24
CA GLN B 131 -21.05 6.07 -24.05
C GLN B 131 -21.65 4.91 -24.83
N ALA B 132 -22.96 4.93 -25.00
CA ALA B 132 -23.66 3.88 -25.73
C ALA B 132 -23.04 3.68 -27.11
N GLY B 133 -22.82 2.43 -27.50
CA GLY B 133 -22.23 2.15 -28.79
C GLY B 133 -20.73 1.95 -28.74
N TYR B 134 -20.03 2.66 -27.85
CA TYR B 134 -18.58 2.50 -27.75
C TYR B 134 -18.35 1.07 -27.26
N LYS B 135 -17.26 0.44 -27.69
CA LYS B 135 -16.99 -0.94 -27.30
C LYS B 135 -15.83 -1.19 -26.34
N GLY B 136 -16.08 -2.13 -25.42
CA GLY B 136 -15.10 -2.53 -24.45
C GLY B 136 -14.79 -4.00 -24.73
N ARG B 137 -13.77 -4.55 -24.07
CA ARG B 137 -13.40 -5.94 -24.30
C ARG B 137 -13.58 -6.79 -23.05
N VAL B 138 -13.95 -8.05 -23.27
CA VAL B 138 -14.15 -9.00 -22.19
C VAL B 138 -13.30 -10.25 -22.44
N THR B 139 -12.72 -10.81 -21.39
CA THR B 139 -11.90 -12.01 -21.54
C THR B 139 -12.20 -12.98 -20.42
N GLY B 140 -12.04 -14.27 -20.69
CA GLY B 140 -12.29 -15.24 -19.65
C GLY B 140 -12.23 -16.68 -20.15
N TRP B 141 -12.25 -17.61 -19.20
CA TRP B 141 -12.19 -19.03 -19.50
C TRP B 141 -13.57 -19.65 -19.32
N GLY B 142 -14.60 -18.80 -19.34
CA GLY B 142 -15.97 -19.27 -19.17
C GLY B 142 -16.41 -20.17 -20.31
N ASN B 143 -17.64 -20.68 -20.25
CA ASN B 143 -18.12 -21.57 -21.29
C ASN B 143 -18.31 -20.92 -22.67
N LEU B 144 -18.38 -21.76 -23.69
CA LEU B 144 -18.47 -21.32 -25.08
C LEU B 144 -19.85 -21.33 -25.73
N LYS B 145 -20.67 -22.30 -25.35
CA LYS B 145 -22.00 -22.44 -25.96
C LYS B 145 -23.06 -22.46 -24.88
N GLU B 146 -24.31 -22.33 -25.29
CA GLU B 146 -25.41 -22.35 -24.34
C GLU B 146 -25.30 -23.58 -23.47
N THR B 147 -25.34 -23.37 -22.17
CA THR B 147 -25.28 -24.47 -21.23
C THR B 147 -26.42 -25.42 -21.64
N TRP B 148 -26.07 -26.54 -22.27
CA TRP B 148 -27.12 -27.47 -22.69
C TRP B 148 -27.71 -28.08 -21.44
N THR B 149 -26.81 -28.49 -20.55
CA THR B 149 -27.13 -29.10 -19.26
C THR B 149 -28.20 -30.17 -19.33
N GLY B 155 -17.94 -27.32 -24.45
CA GLY B 155 -18.44 -26.29 -23.55
C GLY B 155 -17.36 -25.37 -23.02
N GLN B 156 -16.28 -25.94 -22.51
CA GLN B 156 -15.17 -25.15 -21.95
C GLN B 156 -14.11 -24.81 -22.99
N PRO B 157 -13.42 -23.67 -22.82
CA PRO B 157 -12.40 -23.30 -23.79
C PRO B 157 -11.05 -23.91 -23.41
N SER B 158 -10.18 -24.01 -24.39
CA SER B 158 -8.85 -24.56 -24.19
C SER B 158 -7.91 -23.42 -23.71
N VAL B 159 -8.10 -22.23 -24.26
CA VAL B 159 -7.29 -21.08 -23.89
C VAL B 159 -8.18 -19.87 -23.65
N LEU B 160 -7.60 -18.86 -23.00
CA LEU B 160 -8.31 -17.62 -22.70
C LEU B 160 -9.08 -17.11 -23.91
N GLN B 161 -10.34 -16.72 -23.69
CA GLN B 161 -11.18 -16.21 -24.77
C GLN B 161 -11.42 -14.70 -24.66
N VAL B 162 -11.41 -14.03 -25.81
CA VAL B 162 -11.64 -12.59 -25.87
C VAL B 162 -12.79 -12.25 -26.83
N VAL B 163 -13.49 -11.16 -26.55
CA VAL B 163 -14.60 -10.74 -27.40
C VAL B 163 -14.90 -9.25 -27.12
N ASN B 164 -15.28 -8.51 -28.16
CA ASN B 164 -15.62 -7.08 -27.98
C ASN B 164 -17.13 -6.89 -27.99
N LEU B 165 -17.61 -5.99 -27.15
CA LEU B 165 -19.03 -5.71 -27.04
C LEU B 165 -19.30 -4.23 -26.83
N PRO B 166 -20.41 -3.73 -27.40
CA PRO B 166 -20.78 -2.33 -27.27
C PRO B 166 -21.62 -2.08 -26.01
N ILE B 167 -21.47 -0.91 -25.41
CA ILE B 167 -22.23 -0.51 -24.24
C ILE B 167 -23.67 -0.22 -24.74
N VAL B 168 -24.67 -0.65 -23.98
CA VAL B 168 -26.06 -0.43 -24.37
C VAL B 168 -26.64 0.81 -23.70
N GLU B 169 -27.55 1.51 -24.37
CA GLU B 169 -28.17 2.70 -23.77
C GLU B 169 -28.86 2.25 -22.50
N ARG B 170 -28.75 3.08 -21.46
CA ARG B 170 -29.34 2.79 -20.16
C ARG B 170 -30.82 2.41 -20.24
N PRO B 171 -31.64 3.21 -20.93
CA PRO B 171 -33.06 2.89 -21.05
C PRO B 171 -33.29 1.54 -21.73
N VAL B 172 -32.70 1.35 -22.90
CA VAL B 172 -32.82 0.11 -23.63
C VAL B 172 -32.53 -1.04 -22.68
N CYS B 173 -31.46 -0.92 -21.92
CA CYS B 173 -31.09 -1.96 -20.98
C CYS B 173 -32.13 -2.12 -19.88
N LYS B 174 -32.58 -1.00 -19.34
CA LYS B 174 -33.58 -1.01 -18.30
C LYS B 174 -34.81 -1.78 -18.79
N ASP B 175 -35.26 -1.47 -20.00
CA ASP B 175 -36.44 -2.14 -20.58
C ASP B 175 -36.19 -3.59 -20.97
N SER B 176 -34.95 -4.03 -20.91
CA SER B 176 -34.61 -5.40 -21.29
C SER B 176 -34.72 -6.41 -20.15
N THR B 177 -34.78 -5.92 -18.90
CA THR B 177 -34.87 -6.83 -17.76
C THR B 177 -35.85 -6.39 -16.68
N ARG B 178 -36.20 -7.34 -15.81
CA ARG B 178 -37.12 -7.09 -14.70
C ARG B 178 -36.32 -6.58 -13.51
N ILE B 179 -34.99 -6.75 -13.58
CA ILE B 179 -34.09 -6.33 -12.52
C ILE B 179 -33.90 -4.81 -12.46
N ARG B 180 -33.81 -4.31 -11.23
CA ARG B 180 -33.59 -2.89 -10.99
C ARG B 180 -32.12 -2.62 -11.24
N ILE B 181 -31.78 -2.06 -12.40
CA ILE B 181 -30.39 -1.78 -12.71
C ILE B 181 -30.01 -0.44 -12.07
N THR B 182 -29.06 -0.47 -11.16
CA THR B 182 -28.64 0.74 -10.47
C THR B 182 -27.62 1.56 -11.28
N ASP B 183 -27.20 2.68 -10.72
CA ASP B 183 -26.22 3.53 -11.38
C ASP B 183 -24.81 3.02 -11.16
N ASN B 184 -24.69 1.88 -10.47
CA ASN B 184 -23.39 1.27 -10.22
C ASN B 184 -23.16 0.12 -11.18
N MET B 185 -24.02 0.03 -12.20
CA MET B 185 -23.90 -1.01 -13.21
C MET B 185 -24.19 -0.41 -14.58
N PHE B 186 -23.81 -1.12 -15.63
CA PHE B 186 -24.06 -0.68 -17.01
C PHE B 186 -24.16 -1.95 -17.83
N CYS B 187 -24.71 -1.86 -19.04
CA CYS B 187 -24.85 -3.06 -19.84
C CYS B 187 -24.09 -3.02 -21.14
N ALA B 188 -23.80 -4.20 -21.65
CA ALA B 188 -23.08 -4.34 -22.90
C ALA B 188 -23.67 -5.54 -23.63
N GLY B 189 -23.52 -5.56 -24.95
CA GLY B 189 -24.04 -6.66 -25.74
C GLY B 189 -24.78 -6.14 -26.96
N TYR B 190 -24.86 -6.97 -28.00
CA TYR B 190 -25.54 -6.60 -29.23
C TYR B 190 -27.05 -6.88 -29.13
N LYS B 191 -27.84 -6.32 -30.04
CA LYS B 191 -29.28 -6.52 -30.04
C LYS B 191 -29.59 -7.93 -30.52
N PRO B 192 -30.61 -8.57 -29.92
CA PRO B 192 -31.06 -9.94 -30.24
C PRO B 192 -31.35 -10.20 -31.73
N ASP B 193 -31.68 -9.14 -32.45
CA ASP B 193 -31.97 -9.26 -33.88
C ASP B 193 -30.67 -9.29 -34.67
N GLU B 194 -29.73 -8.44 -34.28
CA GLU B 194 -28.44 -8.34 -34.95
C GLU B 194 -27.80 -9.68 -35.29
N GLY B 195 -28.24 -10.74 -34.62
CA GLY B 195 -27.68 -12.06 -34.88
C GLY B 195 -26.17 -12.06 -34.69
N LYS B 196 -25.63 -10.88 -34.42
CA LYS B 196 -24.19 -10.72 -34.18
C LYS B 196 -24.00 -10.91 -32.68
N ARG B 197 -23.93 -12.17 -32.26
CA ARG B 197 -23.77 -12.54 -30.86
C ARG B 197 -22.37 -12.26 -30.32
N GLY B 198 -22.06 -12.85 -29.18
CA GLY B 198 -20.76 -12.63 -28.57
C GLY B 198 -21.03 -12.13 -27.17
N ASP B 199 -20.73 -12.95 -26.17
CA ASP B 199 -20.99 -12.56 -24.79
C ASP B 199 -20.18 -13.35 -23.77
N ALA B 200 -20.29 -12.93 -22.51
CA ALA B 200 -19.58 -13.58 -21.42
C ALA B 200 -20.54 -14.48 -20.70
N CYS B 201 -20.08 -15.66 -20.30
CA CYS B 201 -20.93 -16.60 -19.59
C CYS B 201 -20.62 -16.58 -18.10
N GLU B 202 -21.21 -17.46 -17.32
CA GLU B 202 -21.00 -17.39 -15.88
C GLU B 202 -19.56 -17.57 -15.41
N GLY B 203 -18.82 -18.43 -16.10
CA GLY B 203 -17.41 -18.63 -15.75
C GLY B 203 -16.52 -17.40 -15.95
N ASP B 204 -17.03 -16.44 -16.70
CA ASP B 204 -16.30 -15.22 -16.99
C ASP B 204 -16.56 -14.11 -15.97
N SER B 205 -17.56 -14.30 -15.11
CA SER B 205 -17.86 -13.28 -14.11
C SER B 205 -16.69 -12.97 -13.21
N GLY B 206 -16.55 -11.69 -12.84
CA GLY B 206 -15.44 -11.27 -12.02
C GLY B 206 -14.30 -10.83 -12.92
N GLY B 207 -14.37 -11.22 -14.19
CA GLY B 207 -13.35 -10.85 -15.13
C GLY B 207 -13.48 -9.38 -15.51
N PRO B 208 -12.51 -8.80 -16.24
CA PRO B 208 -12.57 -7.39 -16.64
C PRO B 208 -13.20 -7.07 -17.99
N PHE B 209 -13.74 -5.86 -18.06
CA PHE B 209 -14.35 -5.28 -19.26
C PHE B 209 -13.41 -4.10 -19.48
N VAL B 210 -12.54 -4.19 -20.46
CA VAL B 210 -11.59 -3.13 -20.67
C VAL B 210 -11.82 -2.26 -21.89
N MET B 211 -11.24 -1.06 -21.86
CA MET B 211 -11.37 -0.11 -22.95
C MET B 211 -10.04 0.56 -23.15
N LYS B 212 -9.64 0.70 -24.42
CA LYS B 212 -8.37 1.34 -24.72
C LYS B 212 -8.58 2.83 -24.97
N SER B 213 -7.92 3.65 -24.17
CA SER B 213 -8.04 5.10 -24.31
C SER B 213 -7.23 5.66 -25.47
N PRO B 214 -7.88 6.41 -26.37
CA PRO B 214 -7.19 7.01 -27.51
C PRO B 214 -6.33 8.17 -27.03
N PHE B 215 -6.59 8.65 -25.83
CA PHE B 215 -5.84 9.77 -25.29
C PHE B 215 -4.43 9.43 -24.84
N ASN B 216 -4.23 8.21 -24.33
CA ASN B 216 -2.90 7.80 -23.88
C ASN B 216 -2.53 6.37 -24.25
N ASN B 217 -3.33 5.73 -25.10
CA ASN B 217 -3.02 4.38 -25.57
C ASN B 217 -3.04 3.31 -24.48
N ARG B 218 -3.63 3.62 -23.33
CA ARG B 218 -3.68 2.67 -22.23
C ARG B 218 -5.02 1.94 -22.08
N TRP B 219 -4.98 0.76 -21.47
CA TRP B 219 -6.18 -0.03 -21.25
C TRP B 219 -6.76 0.25 -19.87
N TYR B 220 -8.04 0.57 -19.82
CA TYR B 220 -8.72 0.86 -18.56
C TYR B 220 -9.81 -0.17 -18.31
N GLN B 221 -9.98 -0.56 -17.05
CA GLN B 221 -11.04 -1.50 -16.73
C GLN B 221 -12.25 -0.65 -16.34
N MET B 222 -13.26 -0.63 -17.20
CA MET B 222 -14.46 0.17 -16.94
C MET B 222 -15.49 -0.60 -16.14
N GLY B 223 -15.45 -1.92 -16.24
CA GLY B 223 -16.41 -2.73 -15.52
C GLY B 223 -15.91 -4.11 -15.18
N ILE B 224 -16.68 -4.80 -14.35
CA ILE B 224 -16.39 -6.16 -13.92
C ILE B 224 -17.60 -6.98 -14.38
N VAL B 225 -17.37 -8.16 -14.93
CA VAL B 225 -18.46 -9.00 -15.39
C VAL B 225 -19.27 -9.45 -14.17
N SER B 226 -20.48 -8.89 -14.04
CA SER B 226 -21.35 -9.22 -12.93
C SER B 226 -22.32 -10.33 -13.28
N ALA B 227 -22.94 -10.23 -14.45
CA ALA B 227 -23.88 -11.23 -14.91
C ALA B 227 -24.04 -11.13 -16.43
N GLY B 228 -23.18 -11.84 -17.15
CA GLY B 228 -23.24 -11.79 -18.60
C GLY B 228 -24.49 -12.47 -19.13
N ALA B 229 -25.11 -11.91 -20.17
CA ALA B 229 -26.30 -12.50 -20.76
C ALA B 229 -25.82 -13.82 -21.34
N GLY B 230 -24.59 -14.14 -20.95
CA GLY B 230 -23.87 -15.34 -21.33
C GLY B 230 -24.47 -16.41 -22.21
N CYS B 231 -24.10 -17.63 -21.85
CA CYS B 231 -24.53 -18.83 -22.52
C CYS B 231 -26.01 -19.04 -22.20
N ASP B 232 -26.79 -17.97 -22.34
CA ASP B 232 -28.24 -17.98 -22.04
C ASP B 232 -29.13 -17.91 -23.27
N ARG B 233 -30.39 -18.31 -23.11
CA ARG B 233 -31.36 -18.29 -24.21
C ARG B 233 -32.49 -17.29 -23.93
N LYS B 236 -31.77 -9.80 -24.33
CA LYS B 236 -31.03 -9.84 -23.07
C LYS B 236 -29.59 -9.33 -23.27
N TYR B 237 -29.09 -8.59 -22.27
CA TYR B 237 -27.75 -8.02 -22.28
C TYR B 237 -26.96 -8.43 -21.03
N GLY B 238 -25.65 -8.26 -21.09
CA GLY B 238 -24.82 -8.58 -19.94
C GLY B 238 -24.79 -7.40 -18.98
N PHE B 239 -24.59 -7.65 -17.70
CA PHE B 239 -24.53 -6.58 -16.72
C PHE B 239 -23.11 -6.50 -16.18
N TYR B 240 -22.59 -5.29 -16.03
CA TYR B 240 -21.24 -5.10 -15.53
C TYR B 240 -21.22 -4.13 -14.36
N THR B 241 -20.28 -4.34 -13.45
CA THR B 241 -20.15 -3.43 -12.33
C THR B 241 -19.41 -2.20 -12.84
N HIS B 242 -19.92 -1.03 -12.49
CA HIS B 242 -19.37 0.25 -12.89
C HIS B 242 -18.14 0.57 -12.02
N VAL B 243 -16.96 0.22 -12.52
CA VAL B 243 -15.73 0.43 -11.76
C VAL B 243 -15.46 1.86 -11.29
N PHE B 244 -15.64 2.86 -12.16
CA PHE B 244 -15.39 4.23 -11.73
C PHE B 244 -16.35 4.72 -10.64
N ARG B 245 -17.60 4.29 -10.71
CA ARG B 245 -18.60 4.67 -9.71
C ARG B 245 -18.21 4.13 -8.34
N LEU B 246 -17.47 3.02 -8.35
CA LEU B 246 -17.01 2.36 -7.13
C LEU B 246 -15.53 2.58 -6.87
N LYS B 247 -14.94 3.57 -7.55
CA LYS B 247 -13.53 3.88 -7.43
C LYS B 247 -13.09 4.35 -6.03
N LYS B 248 -13.90 5.20 -5.40
CA LYS B 248 -13.52 5.68 -4.08
C LYS B 248 -13.42 4.56 -3.05
N TRP B 249 -14.28 3.55 -3.16
CA TRP B 249 -14.22 2.44 -2.22
C TRP B 249 -12.93 1.65 -2.45
N ILE B 250 -12.65 1.37 -3.72
CA ILE B 250 -11.45 0.63 -4.06
C ILE B 250 -10.21 1.28 -3.44
N GLN B 251 -10.08 2.59 -3.60
CA GLN B 251 -8.92 3.27 -3.07
C GLN B 251 -8.91 3.31 -1.55
N LYS B 252 -10.10 3.35 -0.96
CA LYS B 252 -10.19 3.36 0.48
C LYS B 252 -9.57 2.08 1.02
N VAL B 253 -9.98 0.95 0.45
CA VAL B 253 -9.47 -0.36 0.86
C VAL B 253 -7.97 -0.50 0.66
N ILE B 254 -7.50 -0.14 -0.52
CA ILE B 254 -6.10 -0.24 -0.83
C ILE B 254 -5.24 0.70 -0.01
N ASP B 255 -5.81 1.82 0.40
CA ASP B 255 -5.06 2.79 1.19
C ASP B 255 -4.99 2.39 2.65
N GLN B 256 -6.11 1.98 3.21
CA GLN B 256 -6.17 1.57 4.60
C GLN B 256 -5.39 0.27 4.80
N PHE B 257 -5.62 -0.69 3.91
CA PHE B 257 -4.94 -1.99 3.97
C PHE B 257 -3.84 -2.01 2.92
N GLY B 258 -2.92 -2.96 3.03
CA GLY B 258 -1.86 -2.97 2.05
C GLY B 258 -0.75 -2.03 2.45
N GLU B 259 0.48 -2.45 2.17
CA GLU B 259 1.68 -1.69 2.52
C GLU B 259 1.97 -0.46 1.66
N ASN C 8 -14.58 -36.42 -16.42
CA ASN C 8 -14.02 -35.36 -15.52
C ASN C 8 -13.47 -34.15 -16.27
N ASP C 9 -12.45 -33.50 -15.69
CA ASP C 9 -11.79 -32.33 -16.27
C ASP C 9 -10.63 -31.97 -15.34
N LYS C 10 -9.47 -32.54 -15.61
CA LYS C 10 -8.29 -32.33 -14.78
C LYS C 10 -7.42 -31.13 -15.15
N TYR C 11 -6.95 -30.44 -14.12
CA TYR C 11 -6.05 -29.30 -14.30
C TYR C 11 -4.68 -29.86 -13.93
N GLU C 12 -3.67 -29.52 -14.72
CA GLU C 12 -2.32 -30.00 -14.47
C GLU C 12 -1.82 -29.53 -13.11
N PRO C 13 -1.30 -30.47 -12.29
CA PRO C 13 -0.79 -30.14 -10.97
C PRO C 13 0.20 -28.99 -11.10
N PHE C 14 0.41 -28.25 -10.02
CA PHE C 14 1.29 -27.10 -10.07
C PHE C 14 1.77 -26.62 -8.70
N TRP C 15 2.45 -25.49 -8.73
CA TRP C 15 2.94 -24.78 -7.55
C TRP C 15 4.38 -24.88 -7.09
N GLU C 16 4.69 -23.95 -6.19
CA GLU C 16 5.96 -23.70 -5.52
C GLU C 16 5.98 -22.17 -5.41
N ALA D 2 23.64 -8.63 13.49
CA ALA D 2 22.53 -8.05 14.31
C ALA D 2 23.01 -7.82 15.73
N ASP D 3 23.70 -6.70 15.91
CA ASP D 3 24.21 -6.33 17.21
C ASP D 3 23.40 -5.09 17.62
N CYS D 4 22.38 -4.81 16.81
CA CYS D 4 21.49 -3.68 17.02
C CYS D 4 20.84 -3.68 18.39
N GLY D 5 20.47 -2.50 18.87
CA GLY D 5 19.80 -2.37 20.15
C GLY D 5 20.59 -2.58 21.41
N LEU D 6 21.84 -3.00 21.28
CA LEU D 6 22.67 -3.22 22.47
C LEU D 6 23.67 -2.06 22.57
N ARG D 7 23.42 -1.16 23.52
CA ARG D 7 24.27 0.02 23.71
C ARG D 7 25.64 -0.25 24.31
N PRO D 8 26.70 0.17 23.60
CA PRO D 8 28.09 -0.01 24.03
C PRO D 8 28.40 0.45 25.46
N LEU D 9 27.84 1.57 25.89
CA LEU D 9 28.13 2.07 27.23
C LEU D 9 27.09 1.68 28.27
N PHE D 10 26.21 0.74 27.92
CA PHE D 10 25.19 0.33 28.87
C PHE D 10 24.93 -1.18 28.89
N GLU D 11 24.19 -1.70 27.92
CA GLU D 11 23.93 -3.14 27.91
C GLU D 11 25.22 -3.94 27.80
N LYS D 12 26.13 -3.49 26.94
CA LYS D 12 27.40 -4.16 26.71
C LYS D 12 28.29 -4.17 27.95
N LYS D 13 28.05 -3.23 28.85
CA LYS D 13 28.83 -3.10 30.07
C LYS D 13 27.95 -3.39 31.29
N SER D 14 26.85 -4.10 31.08
CA SER D 14 25.94 -4.42 32.16
C SER D 14 25.54 -3.21 33.02
N LEU D 15 25.52 -2.02 32.42
CA LEU D 15 25.14 -0.79 33.12
C LEU D 15 23.77 -0.31 32.66
N GLU D 16 23.00 0.27 33.58
CA GLU D 16 21.67 0.78 33.27
C GLU D 16 21.65 2.29 33.26
N ASP D 17 20.82 2.89 32.41
CA ASP D 17 20.73 4.34 32.41
C ASP D 17 19.68 4.70 33.45
N LYS D 18 19.58 5.98 33.77
CA LYS D 18 18.67 6.49 34.79
C LYS D 18 17.17 6.30 34.65
N THR D 19 16.64 6.07 33.45
CA THR D 19 15.20 5.94 33.32
C THR D 19 14.61 4.67 32.70
N GLU D 20 15.43 3.81 32.13
CA GLU D 20 14.91 2.60 31.50
C GLU D 20 14.02 1.78 32.44
N ARG D 21 14.34 1.81 33.73
CA ARG D 21 13.55 1.09 34.72
C ARG D 21 12.08 1.55 34.65
N GLU D 22 11.88 2.83 34.34
CA GLU D 22 10.54 3.37 34.22
C GLU D 22 9.81 2.62 33.13
N LEU D 23 10.55 2.24 32.10
CA LEU D 23 9.99 1.51 30.98
C LEU D 23 9.53 0.14 31.43
N LEU D 24 10.47 -0.67 31.91
CA LEU D 24 10.18 -2.02 32.36
C LEU D 24 9.00 -2.03 33.31
N GLU D 25 8.95 -1.05 34.20
CA GLU D 25 7.86 -0.97 35.15
C GLU D 25 6.50 -0.82 34.45
N SER D 26 6.49 -0.14 33.30
CA SER D 26 5.24 0.06 32.59
C SER D 26 4.76 -1.23 31.92
N TYR D 27 5.67 -2.17 31.68
CA TYR D 27 5.26 -3.41 31.04
C TYR D 27 4.79 -4.42 32.08
N ILE D 28 5.13 -4.17 33.34
CA ILE D 28 4.76 -5.06 34.45
C ILE D 28 3.82 -4.38 35.43
N ASP D 29 4.31 -3.26 35.96
CA ASP D 29 3.68 -2.37 36.95
C ASP D 29 4.64 -2.20 38.15
N ILE E 1 12.45 18.36 23.01
CA ILE E 1 11.60 17.64 24.00
C ILE E 1 11.18 18.55 25.15
N VAL E 2 9.94 18.36 25.60
CA VAL E 2 9.37 19.14 26.69
C VAL E 2 9.23 18.26 27.93
N GLU E 3 9.70 18.77 29.07
CA GLU E 3 9.63 18.03 30.34
C GLU E 3 10.55 16.81 30.33
N GLY E 4 11.64 16.89 29.59
CA GLY E 4 12.55 15.77 29.54
C GLY E 4 13.77 16.11 30.35
N SER E 5 14.89 15.54 29.98
CA SER E 5 16.13 15.79 30.69
C SER E 5 17.31 15.51 29.77
N ASP E 6 18.49 15.89 30.24
CA ASP E 6 19.69 15.67 29.47
C ASP E 6 19.94 14.19 29.34
N ALA E 7 20.35 13.78 28.15
CA ALA E 7 20.63 12.38 27.91
C ALA E 7 22.01 12.06 28.45
N GLU E 8 22.23 10.80 28.80
CA GLU E 8 23.51 10.38 29.29
C GLU E 8 24.31 10.05 28.05
N ILE E 9 25.63 10.06 28.17
CA ILE E 9 26.49 9.77 27.05
C ILE E 9 26.29 8.35 26.53
N GLY E 10 25.97 8.22 25.25
CA GLY E 10 25.76 6.91 24.66
C GLY E 10 24.44 6.27 25.06
N MET E 11 23.50 7.10 25.47
CA MET E 11 22.18 6.62 25.88
C MET E 11 21.29 6.35 24.66
N SER E 12 21.48 7.14 23.61
CA SER E 12 20.71 6.99 22.37
C SER E 12 21.73 7.03 21.23
N PRO E 13 22.63 6.03 21.19
CA PRO E 13 23.70 5.92 20.18
C PRO E 13 23.23 5.89 18.71
N TRP E 14 21.93 5.63 18.51
CA TRP E 14 21.34 5.57 17.18
C TRP E 14 20.70 6.89 16.80
N GLN E 15 20.70 7.84 17.75
CA GLN E 15 20.12 9.16 17.50
C GLN E 15 20.89 9.86 16.39
N VAL E 16 20.15 10.40 15.41
CA VAL E 16 20.77 11.09 14.29
C VAL E 16 20.23 12.50 14.15
N MET E 17 21.11 13.42 13.74
CA MET E 17 20.70 14.80 13.55
C MET E 17 20.68 15.10 12.06
N LEU E 18 19.51 15.50 11.57
CA LEU E 18 19.34 15.85 10.18
C LEU E 18 19.69 17.35 10.16
N PHE E 19 20.84 17.65 9.57
CA PHE E 19 21.36 19.00 9.54
C PHE E 19 21.30 19.68 8.18
N ARG E 20 20.64 20.84 8.15
CA ARG E 20 20.49 21.62 6.92
C ARG E 20 21.79 22.37 6.64
N LYS E 21 22.31 22.21 5.43
CA LYS E 21 23.56 22.87 5.05
C LYS E 21 23.49 24.40 5.01
N SER E 22 22.38 24.96 4.54
CA SER E 22 22.25 26.41 4.48
C SER E 22 20.80 26.91 4.33
N PRO E 23 20.32 27.68 5.31
CA PRO E 23 21.09 28.07 6.50
C PRO E 23 21.40 26.89 7.43
N GLN E 24 22.67 26.79 7.83
CA GLN E 24 23.10 25.72 8.73
C GLN E 24 22.20 25.70 9.95
N GLU E 25 21.48 24.61 10.13
CA GLU E 25 20.58 24.53 11.27
C GLU E 25 20.04 23.11 11.43
N LEU E 26 19.50 22.83 12.61
CA LEU E 26 18.90 21.55 12.90
C LEU E 26 17.61 21.46 12.10
N LEU E 27 17.45 20.40 11.34
CA LEU E 27 16.24 20.21 10.56
C LEU E 27 15.30 19.34 11.39
N CYS E 28 15.68 18.08 11.53
CA CYS E 28 14.89 17.10 12.26
C CYS E 28 15.78 16.09 12.94
N GLY E 29 15.13 15.12 13.57
CA GLY E 29 15.83 14.04 14.23
C GLY E 29 15.77 12.89 13.23
N ALA E 30 16.40 11.77 13.58
CA ALA E 30 16.41 10.60 12.71
C ALA E 30 17.08 9.47 13.50
N SER E 31 17.25 8.32 12.87
CA SER E 31 17.85 7.20 13.56
C SER E 31 18.72 6.33 12.67
N LEU E 32 19.71 5.71 13.28
CA LEU E 32 20.63 4.82 12.59
C LEU E 32 20.10 3.39 12.76
N ILE E 33 19.68 2.79 11.65
CA ILE E 33 19.16 1.44 11.71
C ILE E 33 20.16 0.46 11.10
N SER E 34 21.13 1.02 10.39
CA SER E 34 22.16 0.23 9.73
C SER E 34 23.40 1.10 9.66
N ASP E 35 24.44 0.63 8.98
CA ASP E 35 25.67 1.40 8.86
C ASP E 35 25.61 2.24 7.60
N ARG E 36 24.48 2.19 6.91
CA ARG E 36 24.33 2.90 5.65
C ARG E 36 22.93 3.47 5.52
N TRP E 37 22.06 3.12 6.46
CA TRP E 37 20.69 3.58 6.41
C TRP E 37 20.18 4.35 7.63
N VAL E 38 19.61 5.51 7.37
CA VAL E 38 19.06 6.38 8.39
C VAL E 38 17.54 6.51 8.17
N LEU E 39 16.78 6.44 9.26
CA LEU E 39 15.32 6.51 9.19
C LEU E 39 14.85 7.87 9.73
N THR E 40 13.81 8.43 9.11
CA THR E 40 13.28 9.72 9.55
C THR E 40 11.82 9.88 9.11
N ALA E 41 11.28 11.07 9.34
CA ALA E 41 9.90 11.37 8.96
C ALA E 41 9.85 12.00 7.58
N ALA E 42 8.86 11.61 6.78
CA ALA E 42 8.72 12.16 5.43
C ALA E 42 8.48 13.67 5.42
N HIS E 43 7.62 14.17 6.31
CA HIS E 43 7.32 15.61 6.34
C HIS E 43 8.53 16.51 6.60
N CYS E 44 9.63 15.92 7.07
CA CYS E 44 10.85 16.67 7.34
C CYS E 44 11.57 17.02 6.04
N LEU E 45 11.37 16.17 5.04
CA LEU E 45 11.99 16.35 3.73
C LEU E 45 11.04 16.89 2.69
N LEU E 46 9.79 16.44 2.74
CA LEU E 46 8.81 16.85 1.75
C LEU E 46 7.46 17.34 2.27
N TYR E 47 7.06 18.51 1.80
CA TYR E 47 5.77 19.10 2.14
C TYR E 47 5.45 20.20 1.13
N PRO E 48 4.85 19.82 0.00
CA PRO E 48 4.47 20.70 -1.10
C PRO E 48 3.78 22.00 -0.70
N PRO E 49 2.70 21.93 0.10
CA PRO E 49 2.01 23.16 0.50
C PRO E 49 2.90 24.31 1.00
N TRP E 50 4.01 23.98 1.67
CA TRP E 50 4.93 25.03 2.14
C TRP E 50 6.15 25.05 1.24
N ASP E 51 6.00 24.45 0.05
CA ASP E 51 7.07 24.38 -0.92
C ASP E 51 8.35 23.88 -0.29
N LYS E 52 8.26 22.70 0.31
CA LYS E 52 9.40 22.05 0.96
C LYS E 52 9.77 20.78 0.21
N ASN E 53 11.01 20.71 -0.26
CA ASN E 53 11.47 19.52 -0.96
C ASN E 53 12.98 19.44 -0.90
N PHE E 54 13.49 18.98 0.23
CA PHE E 54 14.93 18.83 0.43
C PHE E 54 15.49 17.67 -0.36
N THR E 55 16.56 17.92 -1.11
CA THR E 55 17.21 16.89 -1.91
C THR E 55 18.49 16.44 -1.21
N GLU E 56 19.00 15.28 -1.62
CA GLU E 56 20.21 14.69 -1.04
C GLU E 56 21.34 15.68 -0.76
N ASN E 57 21.41 16.76 -1.53
CA ASN E 57 22.49 17.72 -1.33
C ASN E 57 22.24 18.86 -0.36
N ASP E 58 21.00 19.11 0.01
CA ASP E 58 20.71 20.19 0.94
C ASP E 58 20.99 19.75 2.37
N LEU E 59 21.17 18.44 2.56
CA LEU E 59 21.38 17.93 3.91
C LEU E 59 22.68 17.17 4.20
N LEU E 60 22.84 16.93 5.50
CA LEU E 60 23.95 16.18 6.08
C LEU E 60 23.39 15.45 7.29
N VAL E 61 24.03 14.37 7.69
CA VAL E 61 23.57 13.64 8.86
C VAL E 61 24.73 13.61 9.87
N ARG E 62 24.48 14.11 11.06
CA ARG E 62 25.50 14.11 12.11
C ARG E 62 25.14 13.02 13.11
N ILE E 63 26.02 12.03 13.21
CA ILE E 63 25.81 10.86 14.06
C ILE E 63 26.69 10.82 15.30
N GLY E 64 26.14 10.26 16.38
CA GLY E 64 26.84 10.14 17.64
C GLY E 64 27.01 11.44 18.42
N LYS E 65 26.07 12.36 18.27
CA LYS E 65 26.15 13.64 18.96
C LYS E 65 25.46 13.68 20.32
N HIS E 66 25.86 14.66 21.12
CA HIS E 66 25.28 14.88 22.42
C HIS E 66 24.99 16.38 22.48
N SER E 67 26.03 17.17 22.23
CA SER E 67 25.90 18.63 22.22
C SER E 67 25.10 19.01 20.99
N ARG E 68 24.26 20.02 21.12
CA ARG E 68 23.44 20.46 20.01
C ARG E 68 24.23 21.29 18.99
N THR E 69 25.02 22.25 19.44
CA THR E 69 25.76 23.10 18.50
C THR E 69 27.25 22.87 18.40
N ARG E 70 27.86 22.32 19.44
CA ARG E 70 29.30 22.07 19.43
C ARG E 70 29.69 21.02 18.42
N TYR E 71 30.81 21.23 17.74
CA TYR E 71 31.30 20.25 16.80
C TYR E 71 32.05 19.31 17.72
N GLU E 72 31.48 18.13 17.95
CA GLU E 72 32.08 17.15 18.84
C GLU E 72 33.13 16.30 18.14
N ARG E 73 34.27 16.94 17.86
CA ARG E 73 35.40 16.34 17.17
C ARG E 73 35.79 14.97 17.71
N ASN E 74 36.08 14.05 16.78
CA ASN E 74 36.48 12.67 17.08
C ASN E 74 35.44 11.84 17.81
N ILE E 75 34.20 12.34 17.86
CA ILE E 75 33.12 11.64 18.52
C ILE E 75 32.00 11.43 17.52
N GLU E 76 31.52 12.52 16.95
CA GLU E 76 30.44 12.43 15.98
C GLU E 76 31.00 12.18 14.59
N LYS E 77 30.13 11.71 13.69
CA LYS E 77 30.50 11.44 12.31
C LYS E 77 29.52 12.15 11.41
N ILE E 78 30.03 12.89 10.43
CA ILE E 78 29.14 13.57 9.51
C ILE E 78 29.14 12.75 8.24
N SER E 79 27.99 12.61 7.61
CA SER E 79 27.87 11.83 6.39
C SER E 79 26.97 12.52 5.40
N MET E 80 27.30 12.35 4.13
CA MET E 80 26.51 12.93 3.05
C MET E 80 25.48 11.88 2.68
N LEU E 81 24.44 12.29 1.96
CA LEU E 81 23.39 11.37 1.57
C LEU E 81 23.49 10.94 0.11
N GLU E 82 23.39 9.65 -0.12
CA GLU E 82 23.45 9.09 -1.45
C GLU E 82 22.08 9.24 -2.12
N LYS E 83 21.05 8.73 -1.45
CA LYS E 83 19.69 8.79 -2.00
C LYS E 83 18.61 8.86 -0.91
N ILE E 84 17.54 9.61 -1.19
CA ILE E 84 16.41 9.74 -0.29
C ILE E 84 15.22 8.92 -0.83
N TYR E 85 14.60 8.13 0.03
CA TYR E 85 13.44 7.34 -0.39
C TYR E 85 12.24 7.60 0.50
N ILE E 86 11.29 8.38 0.00
CA ILE E 86 10.08 8.70 0.73
C ILE E 86 9.01 7.67 0.40
N HIS E 87 8.24 7.24 1.39
CA HIS E 87 7.20 6.25 1.15
C HIS E 87 6.24 6.67 0.04
N PRO E 88 6.06 5.81 -0.96
CA PRO E 88 5.19 6.04 -2.11
C PRO E 88 3.82 6.62 -1.77
N ARG E 89 3.18 6.07 -0.74
CA ARG E 89 1.86 6.52 -0.35
C ARG E 89 1.86 7.50 0.80
N TYR E 90 2.95 8.25 0.94
CA TYR E 90 3.06 9.26 1.99
C TYR E 90 1.95 10.28 1.76
N ASN E 91 1.06 10.40 2.72
CA ASN E 91 -0.09 11.31 2.62
C ASN E 91 0.11 12.65 3.32
N TRP E 92 0.68 13.62 2.62
CA TRP E 92 0.90 14.94 3.20
C TRP E 92 -0.34 15.80 3.02
N ARG E 93 -1.24 15.34 2.15
CA ARG E 93 -2.46 16.05 1.83
C ARG E 93 -3.53 16.09 2.92
N GLU E 94 -3.45 15.21 3.92
CA GLU E 94 -4.49 15.25 4.95
C GLU E 94 -4.19 14.73 6.34
N ASN E 95 -3.17 13.90 6.51
CA ASN E 95 -2.90 13.40 7.86
C ASN E 95 -1.50 12.85 8.08
N LEU E 96 -0.59 13.12 7.15
CA LEU E 96 0.78 12.63 7.26
C LEU E 96 0.82 11.11 7.43
N ASP E 97 -0.09 10.42 6.76
CA ASP E 97 -0.15 8.96 6.83
C ASP E 97 1.14 8.49 6.19
N ARG E 98 1.69 7.41 6.71
CA ARG E 98 2.93 6.86 6.21
C ARG E 98 4.00 7.95 6.16
N ASP E 99 4.13 8.68 7.28
CA ASP E 99 5.11 9.73 7.40
C ASP E 99 6.42 9.05 7.72
N ILE E 100 7.10 8.56 6.68
CA ILE E 100 8.35 7.86 6.88
C ILE E 100 9.28 8.06 5.69
N ALA E 101 10.58 7.94 5.94
CA ALA E 101 11.54 8.10 4.86
C ALA E 101 12.89 7.46 5.20
N LEU E 102 13.50 6.88 4.18
CA LEU E 102 14.80 6.24 4.32
C LEU E 102 15.85 7.09 3.62
N MET E 103 17.03 7.15 4.20
CA MET E 103 18.12 7.90 3.62
C MET E 103 19.34 7.00 3.59
N LYS E 104 19.90 6.83 2.40
CA LYS E 104 21.08 5.99 2.23
C LYS E 104 22.31 6.88 2.32
N LEU E 105 23.31 6.43 3.07
CA LEU E 105 24.52 7.21 3.23
C LEU E 105 25.48 6.99 2.08
N LYS E 106 26.35 7.97 1.84
CA LYS E 106 27.36 7.88 0.78
C LYS E 106 28.27 6.72 1.12
N LYS E 107 28.80 6.75 2.34
CA LYS E 107 29.70 5.71 2.81
C LYS E 107 29.28 5.23 4.18
N PRO E 108 29.44 3.94 4.44
CA PRO E 108 29.10 3.33 5.73
C PRO E 108 29.77 4.07 6.87
N VAL E 109 29.12 4.09 8.03
CA VAL E 109 29.64 4.76 9.21
C VAL E 109 30.16 3.73 10.20
N ALA E 110 31.37 3.96 10.72
CA ALA E 110 31.96 3.05 11.68
C ALA E 110 31.26 3.19 13.03
N PHE E 111 30.89 2.07 13.63
CA PHE E 111 30.22 2.14 14.93
C PHE E 111 31.22 2.45 16.04
N SER E 112 30.73 2.86 17.19
CA SER E 112 31.59 3.18 18.32
C SER E 112 30.77 3.20 19.58
N ASP E 113 31.37 3.70 20.65
CA ASP E 113 30.68 3.79 21.92
C ASP E 113 29.49 4.72 21.80
N TYR E 114 29.54 5.63 20.82
CA TYR E 114 28.49 6.65 20.64
C TYR E 114 27.62 6.45 19.42
N ILE E 115 28.04 5.57 18.53
CA ILE E 115 27.31 5.33 17.31
C ILE E 115 26.96 3.86 17.19
N HIS E 116 25.68 3.55 17.38
CA HIS E 116 25.23 2.16 17.30
C HIS E 116 23.79 2.13 16.79
N PRO E 117 23.49 1.18 15.89
CA PRO E 117 22.15 1.01 15.30
C PRO E 117 21.10 0.46 16.26
N VAL E 118 19.87 0.88 16.04
CA VAL E 118 18.76 0.42 16.85
C VAL E 118 18.12 -0.75 16.07
N CYS E 119 17.45 -1.65 16.78
CA CYS E 119 16.80 -2.78 16.10
C CYS E 119 15.41 -2.37 15.64
N LEU E 120 14.94 -3.04 14.59
CA LEU E 120 13.62 -2.79 14.07
C LEU E 120 12.80 -3.98 14.56
N PRO E 121 11.56 -3.74 14.98
CA PRO E 121 10.69 -4.80 15.48
C PRO E 121 10.15 -5.81 14.47
N ASP E 122 9.95 -7.03 14.97
CA ASP E 122 9.37 -8.12 14.18
C ASP E 122 7.91 -8.15 14.60
N ARG E 123 7.12 -9.06 14.04
CA ARG E 123 5.70 -9.12 14.40
C ARG E 123 5.48 -9.36 15.90
N GLU E 124 6.27 -10.26 16.47
CA GLU E 124 6.19 -10.60 17.87
C GLU E 124 6.46 -9.43 18.82
N THR E 125 7.62 -8.80 18.67
CA THR E 125 7.96 -7.68 19.50
C THR E 125 6.90 -6.58 19.41
N ALA E 126 6.41 -6.34 18.20
CA ALA E 126 5.39 -5.32 18.00
C ALA E 126 4.13 -5.65 18.79
N ALA E 127 3.69 -6.89 18.73
CA ALA E 127 2.48 -7.27 19.45
C ALA E 127 2.65 -7.29 20.97
N SER E 128 3.85 -7.61 21.45
CA SER E 128 4.13 -7.65 22.89
C SER E 128 4.22 -6.29 23.56
N LEU E 129 4.88 -5.36 22.88
CA LEU E 129 5.12 -4.01 23.41
C LEU E 129 4.14 -2.91 23.06
N LEU E 130 3.52 -2.99 21.89
CA LEU E 130 2.57 -1.94 21.51
C LEU E 130 1.24 -2.08 22.21
N GLN E 131 1.22 -1.78 23.50
CA GLN E 131 0.00 -1.85 24.30
C GLN E 131 -0.21 -0.55 25.04
N ALA E 132 -1.48 -0.19 25.23
CA ALA E 132 -1.81 1.03 25.94
C ALA E 132 -1.20 0.95 27.32
N GLY E 133 -0.64 2.06 27.79
CA GLY E 133 -0.02 2.08 29.11
C GLY E 133 1.47 1.80 29.09
N TYR E 134 1.91 0.97 28.15
CA TYR E 134 3.33 0.64 28.02
C TYR E 134 4.09 1.87 27.52
N LYS E 135 5.21 2.18 28.16
CA LYS E 135 6.00 3.35 27.79
C LYS E 135 7.16 3.12 26.83
N GLY E 136 7.47 4.18 26.08
CA GLY E 136 8.56 4.16 25.13
C GLY E 136 9.41 5.39 25.39
N ARG E 137 10.53 5.52 24.70
CA ARG E 137 11.41 6.65 24.92
C ARG E 137 11.54 7.49 23.66
N VAL E 138 11.61 8.80 23.85
CA VAL E 138 11.77 9.73 22.74
C VAL E 138 12.95 10.67 23.03
N THR E 139 13.77 10.94 22.02
CA THR E 139 14.91 11.82 22.23
C THR E 139 15.04 12.81 21.08
N GLY E 140 15.70 13.93 21.34
CA GLY E 140 15.88 14.92 20.30
C GLY E 140 16.40 16.26 20.78
N TRP E 141 16.70 17.13 19.84
CA TRP E 141 17.21 18.46 20.12
C TRP E 141 16.12 19.50 19.87
N GLY E 142 14.87 19.04 19.86
CA GLY E 142 13.75 19.94 19.64
C GLY E 142 13.59 20.93 20.78
N ASN E 143 12.74 21.92 20.61
CA ASN E 143 12.54 22.92 21.65
C ASN E 143 12.01 22.37 22.97
N LEU E 144 12.26 23.14 24.03
CA LEU E 144 11.89 22.78 25.39
C LEU E 144 10.58 23.35 25.88
N LYS E 145 10.03 24.31 25.15
CA LYS E 145 8.80 24.95 25.58
C LYS E 145 8.15 25.65 24.39
N GLU E 146 6.90 26.07 24.58
CA GLU E 146 6.15 26.81 23.56
C GLU E 146 6.74 28.22 23.55
N THR E 147 6.42 29.01 22.54
CA THR E 147 6.99 30.36 22.53
C THR E 147 6.10 31.36 23.25
N TRP E 148 6.23 31.35 24.59
CA TRP E 148 5.51 32.22 25.50
C TRP E 148 5.73 33.69 25.20
N GLY E 155 14.43 27.93 25.18
CA GLY E 155 13.58 27.31 24.19
C GLY E 155 14.26 26.16 23.47
N GLN E 156 15.53 26.35 23.15
CA GLN E 156 16.30 25.32 22.45
C GLN E 156 17.31 24.71 23.41
N PRO E 157 17.34 23.38 23.52
CA PRO E 157 18.24 22.65 24.41
C PRO E 157 19.74 22.72 24.10
N SER E 158 20.54 22.55 25.13
CA SER E 158 22.00 22.58 25.01
C SER E 158 22.50 21.22 24.54
N VAL E 159 21.90 20.15 25.06
CA VAL E 159 22.26 18.79 24.68
C VAL E 159 21.01 17.95 24.47
N LEU E 160 21.22 16.78 23.88
CA LEU E 160 20.14 15.86 23.59
C LEU E 160 19.22 15.64 24.78
N GLN E 161 17.93 15.78 24.54
CA GLN E 161 16.93 15.59 25.58
C GLN E 161 16.26 14.23 25.44
N VAL E 162 15.85 13.69 26.57
CA VAL E 162 15.20 12.40 26.58
C VAL E 162 13.98 12.50 27.49
N VAL E 163 12.95 11.72 27.20
CA VAL E 163 11.73 11.68 27.98
C VAL E 163 10.98 10.40 27.63
N ASN E 164 10.32 9.79 28.63
CA ASN E 164 9.56 8.55 28.40
C ASN E 164 8.06 8.85 28.39
N LEU E 165 7.34 8.25 27.43
CA LEU E 165 5.91 8.46 27.28
C LEU E 165 5.11 7.18 27.14
N PRO E 166 3.88 7.16 27.70
CA PRO E 166 3.00 5.99 27.63
C PRO E 166 2.16 5.98 26.34
N ILE E 167 2.08 4.80 25.73
CA ILE E 167 1.30 4.62 24.51
C ILE E 167 -0.16 4.84 24.93
N VAL E 168 -0.91 5.58 24.13
CA VAL E 168 -2.30 5.88 24.45
C VAL E 168 -3.26 4.93 23.73
N GLU E 169 -4.37 4.61 24.40
CA GLU E 169 -5.37 3.71 23.82
C GLU E 169 -5.90 4.33 22.54
N ARG E 170 -5.92 3.54 21.47
CA ARG E 170 -6.35 3.99 20.15
C ARG E 170 -7.64 4.83 20.14
N PRO E 171 -8.66 4.43 20.91
CA PRO E 171 -9.91 5.21 20.92
C PRO E 171 -9.72 6.61 21.54
N VAL E 172 -8.97 6.66 22.64
CA VAL E 172 -8.71 7.91 23.34
C VAL E 172 -8.13 9.02 22.49
N CYS E 173 -7.22 8.69 21.57
CA CYS E 173 -6.66 9.75 20.77
C CYS E 173 -7.35 9.97 19.42
N LYS E 174 -8.17 9.01 19.00
CA LYS E 174 -8.91 9.17 17.76
C LYS E 174 -9.82 10.34 18.13
N ASP E 175 -10.39 10.23 19.32
CA ASP E 175 -11.29 11.23 19.89
C ASP E 175 -10.55 12.52 20.20
N SER E 176 -9.27 12.40 20.56
CA SER E 176 -8.45 13.55 20.91
C SER E 176 -8.12 14.49 19.76
N THR E 177 -8.54 14.14 18.55
CA THR E 177 -8.22 14.99 17.41
C THR E 177 -9.25 14.91 16.29
N ARG E 178 -9.19 15.88 15.39
CA ARG E 178 -10.08 15.94 14.25
C ARG E 178 -9.38 15.26 13.10
N ILE E 179 -8.08 15.03 13.25
CA ILE E 179 -7.29 14.39 12.21
C ILE E 179 -7.58 12.89 12.17
N ARG E 180 -7.74 12.36 10.97
CA ARG E 180 -8.01 10.95 10.74
C ARG E 180 -6.75 10.13 11.05
N ILE E 181 -6.76 9.40 12.17
CA ILE E 181 -5.59 8.59 12.52
C ILE E 181 -5.69 7.19 11.93
N THR E 182 -4.64 6.82 11.22
CA THR E 182 -4.52 5.54 10.53
C THR E 182 -3.90 4.44 11.39
N ASP E 183 -3.92 3.20 10.90
CA ASP E 183 -3.33 2.11 11.64
C ASP E 183 -1.83 2.15 11.47
N ASN E 184 -1.36 3.06 10.62
CA ASN E 184 0.07 3.22 10.36
C ASN E 184 0.65 4.25 11.32
N MET E 185 -0.12 4.60 12.34
CA MET E 185 0.32 5.55 13.34
C MET E 185 -0.23 5.20 14.71
N PHE E 186 0.40 5.71 15.77
CA PHE E 186 -0.06 5.46 17.13
C PHE E 186 0.25 6.67 17.99
N CYS E 187 -0.44 6.81 19.12
CA CYS E 187 -0.22 7.97 20.00
C CYS E 187 0.48 7.63 21.30
N ALA E 188 1.10 8.64 21.88
CA ALA E 188 1.81 8.51 23.15
C ALA E 188 1.82 9.86 23.85
N GLY E 189 1.70 9.83 25.17
CA GLY E 189 1.71 11.04 25.97
C GLY E 189 0.81 10.83 27.16
N TYR E 190 0.99 11.63 28.20
CA TYR E 190 0.18 11.52 29.41
C TYR E 190 -1.13 12.27 29.19
N LYS E 191 -2.14 11.93 29.97
CA LYS E 191 -3.44 12.59 29.84
C LYS E 191 -3.46 13.86 30.67
N PRO E 192 -4.39 14.78 30.34
CA PRO E 192 -4.53 16.04 31.07
C PRO E 192 -5.38 15.83 32.32
N ASP E 193 -4.78 15.24 33.35
CA ASP E 193 -5.49 14.96 34.59
C ASP E 193 -4.69 15.46 35.77
N LYS E 196 -0.85 17.02 32.14
CA LYS E 196 -0.23 16.81 33.44
C LYS E 196 1.31 16.72 33.40
N ARG E 197 1.92 16.39 32.26
CA ARG E 197 3.40 16.28 32.22
C ARG E 197 4.23 15.85 30.95
N GLY E 198 4.70 16.82 30.16
CA GLY E 198 5.58 16.56 29.00
C GLY E 198 5.44 15.63 27.78
N ASP E 199 6.04 16.08 26.65
CA ASP E 199 6.02 15.36 25.37
C ASP E 199 7.14 15.84 24.40
N ALA E 200 6.97 15.61 23.10
CA ALA E 200 7.97 15.99 22.08
C ALA E 200 7.52 17.15 21.20
N CYS E 201 8.50 17.89 20.67
CA CYS E 201 8.20 19.04 19.83
C CYS E 201 8.58 18.85 18.35
N GLU E 202 8.34 19.87 17.53
CA GLU E 202 8.60 19.76 16.09
C GLU E 202 10.06 19.50 15.70
N GLY E 203 11.01 20.11 16.41
CA GLY E 203 12.41 19.88 16.09
C GLY E 203 12.83 18.44 16.37
N ASP E 204 11.94 17.68 17.01
CA ASP E 204 12.19 16.30 17.37
C ASP E 204 11.61 15.36 16.30
N SER E 205 10.76 15.91 15.43
CA SER E 205 10.13 15.13 14.36
C SER E 205 11.15 14.27 13.67
N GLY E 206 10.76 13.04 13.33
CA GLY E 206 11.68 12.15 12.64
C GLY E 206 12.59 11.38 13.59
N GLY E 207 12.54 11.77 14.86
CA GLY E 207 13.34 11.11 15.87
C GLY E 207 12.75 9.76 16.26
N PRO E 208 13.51 8.90 16.94
CA PRO E 208 13.01 7.58 17.35
C PRO E 208 12.16 7.56 18.61
N PHE E 209 11.28 6.57 18.67
CA PHE E 209 10.44 6.30 19.83
C PHE E 209 10.83 4.84 20.02
N VAL E 210 11.75 4.60 20.95
CA VAL E 210 12.24 3.26 21.17
C VAL E 210 11.67 2.58 22.40
N MET E 211 11.90 1.28 22.49
CA MET E 211 11.43 0.46 23.61
C MET E 211 12.41 -0.66 23.87
N LYS E 212 12.79 -0.85 25.13
CA LYS E 212 13.73 -1.92 25.45
C LYS E 212 12.96 -3.22 25.63
N SER E 213 13.35 -4.25 24.88
CA SER E 213 12.67 -5.54 24.97
C SER E 213 13.16 -6.34 26.18
N PRO E 214 12.23 -6.74 27.07
CA PRO E 214 12.58 -7.52 28.27
C PRO E 214 12.96 -8.93 27.84
N PHE E 215 12.62 -9.27 26.60
CA PHE E 215 12.93 -10.59 26.06
C PHE E 215 14.38 -10.77 25.65
N ASN E 216 15.06 -9.69 25.32
CA ASN E 216 16.46 -9.79 24.89
C ASN E 216 17.32 -8.56 25.18
N ASN E 217 16.79 -7.62 25.97
CA ASN E 217 17.55 -6.42 26.31
C ASN E 217 17.92 -5.52 25.14
N ARG E 218 17.28 -5.70 23.99
CA ARG E 218 17.59 -4.87 22.85
C ARG E 218 16.59 -3.74 22.70
N TRP E 219 17.08 -2.60 22.26
CA TRP E 219 16.23 -1.45 22.04
C TRP E 219 15.64 -1.57 20.64
N TYR E 220 14.35 -1.31 20.53
CA TYR E 220 13.65 -1.41 19.25
C TYR E 220 12.96 -0.09 18.97
N GLN E 221 13.11 0.42 17.75
CA GLN E 221 12.44 1.64 17.37
C GLN E 221 11.02 1.27 16.93
N MET E 222 10.03 1.59 17.75
CA MET E 222 8.66 1.24 17.42
C MET E 222 7.96 2.32 16.60
N GLY E 223 8.39 3.56 16.78
CA GLY E 223 7.80 4.66 16.04
C GLY E 223 8.77 5.76 15.66
N ILE E 224 8.30 6.67 14.82
CA ILE E 224 9.06 7.81 14.36
C ILE E 224 8.17 8.98 14.75
N VAL E 225 8.76 10.04 15.29
CA VAL E 225 7.98 11.20 15.70
C VAL E 225 7.38 11.85 14.45
N SER E 226 6.06 11.81 14.34
CA SER E 226 5.38 12.38 13.19
C SER E 226 4.77 13.74 13.49
N ALA E 227 4.21 13.88 14.69
CA ALA E 227 3.59 15.13 15.10
C ALA E 227 3.38 15.09 16.60
N GLY E 228 4.29 15.72 17.34
CA GLY E 228 4.16 15.70 18.78
C GLY E 228 3.51 16.93 19.39
N ALA E 229 2.62 16.70 20.36
CA ALA E 229 1.97 17.79 21.08
C ALA E 229 3.15 18.25 21.93
N GLY E 230 3.04 19.35 22.64
CA GLY E 230 4.21 19.78 23.41
C GLY E 230 4.73 20.96 22.63
N CYS E 231 4.95 22.08 23.30
CA CYS E 231 5.33 23.30 22.61
C CYS E 231 3.96 23.57 21.94
N ASP E 232 3.11 22.56 22.15
CA ASP E 232 1.72 22.39 21.72
C ASP E 232 1.23 22.66 20.31
N ARG E 233 1.70 21.84 19.37
CA ARG E 233 1.32 21.95 17.97
C ARG E 233 0.28 20.87 17.66
N GLY E 235 -4.45 17.31 27.28
CA GLY E 235 -5.37 17.36 26.17
C GLY E 235 -4.94 16.53 24.98
N LYS E 236 -4.15 17.12 24.09
CA LYS E 236 -3.68 16.40 22.93
C LYS E 236 -2.52 15.45 23.24
N TYR E 237 -2.24 14.56 22.29
CA TYR E 237 -1.18 13.60 22.44
C TYR E 237 -0.23 13.74 21.27
N GLY E 238 0.82 12.93 21.26
CA GLY E 238 1.77 12.97 20.17
C GLY E 238 1.43 11.83 19.21
N PHE E 239 1.72 12.04 17.93
CA PHE E 239 1.46 11.01 16.93
C PHE E 239 2.77 10.48 16.38
N TYR E 240 2.86 9.17 16.25
CA TYR E 240 4.07 8.51 15.76
C TYR E 240 3.78 7.57 14.58
N THR E 241 4.78 7.37 13.72
CA THR E 241 4.62 6.49 12.57
C THR E 241 4.85 5.06 13.07
N HIS E 242 3.92 4.17 12.75
CA HIS E 242 3.97 2.78 13.17
C HIS E 242 5.03 1.99 12.36
N VAL E 243 6.29 2.14 12.76
CA VAL E 243 7.40 1.48 12.09
C VAL E 243 7.17 0.04 11.66
N PHE E 244 6.61 -0.80 12.52
CA PHE E 244 6.39 -2.18 12.15
C PHE E 244 5.39 -2.31 10.99
N ARG E 245 4.32 -1.52 11.04
CA ARG E 245 3.30 -1.54 10.01
C ARG E 245 3.89 -1.24 8.64
N LEU E 246 4.94 -0.44 8.62
CA LEU E 246 5.58 -0.07 7.38
C LEU E 246 6.90 -0.81 7.15
N LYS E 247 7.12 -1.89 7.90
CA LYS E 247 8.36 -2.65 7.77
C LYS E 247 8.61 -3.33 6.42
N LYS E 248 7.57 -3.87 5.79
CA LYS E 248 7.78 -4.51 4.50
C LYS E 248 8.31 -3.50 3.48
N TRP E 249 7.92 -2.23 3.62
CA TRP E 249 8.40 -1.20 2.72
C TRP E 249 9.89 -0.95 3.00
N ILE E 250 10.22 -0.80 4.27
CA ILE E 250 11.60 -0.56 4.68
C ILE E 250 12.50 -1.66 4.12
N GLN E 251 11.99 -2.89 4.14
CA GLN E 251 12.72 -4.05 3.64
C GLN E 251 12.87 -4.01 2.12
N LYS E 252 11.79 -3.68 1.43
CA LYS E 252 11.81 -3.61 -0.03
C LYS E 252 12.88 -2.63 -0.48
N VAL E 253 12.90 -1.45 0.13
CA VAL E 253 13.88 -0.43 -0.22
C VAL E 253 15.32 -0.86 0.02
N ILE E 254 15.60 -1.37 1.22
CA ILE E 254 16.95 -1.83 1.57
C ILE E 254 17.36 -3.10 0.83
N ASP E 255 16.40 -3.95 0.50
CA ASP E 255 16.70 -5.19 -0.20
C ASP E 255 17.04 -4.86 -1.65
N GLN E 256 16.18 -4.08 -2.31
CA GLN E 256 16.46 -3.69 -3.68
C GLN E 256 17.71 -2.82 -3.59
N PHE E 257 18.09 -2.55 -2.33
CA PHE E 257 19.26 -1.75 -2.00
C PHE E 257 19.17 -0.35 -2.58
N GLY E 258 18.09 -0.12 -3.33
CA GLY E 258 17.85 1.16 -3.96
C GLY E 258 16.42 1.24 -4.48
N ASP F 9 21.51 28.56 18.28
CA ASP F 9 21.75 29.91 17.69
C ASP F 9 22.81 29.87 16.59
N LYS F 10 24.02 29.47 16.96
CA LYS F 10 25.14 29.38 16.01
C LYS F 10 25.86 28.05 16.18
N TYR F 11 26.08 27.33 15.08
CA TYR F 11 26.74 26.05 15.15
C TYR F 11 28.25 26.17 14.84
N GLU F 12 29.03 25.32 15.48
CA GLU F 12 30.48 25.31 15.30
C GLU F 12 30.85 24.63 13.98
N PRO F 13 31.77 25.23 13.22
CA PRO F 13 32.20 24.64 11.93
C PRO F 13 32.64 23.21 12.14
N PHE F 14 32.43 22.33 11.16
CA PHE F 14 32.82 20.94 11.37
C PHE F 14 33.65 20.11 10.39
N TRP F 15 34.16 19.03 10.99
CA TRP F 15 35.01 17.97 10.45
C TRP F 15 36.51 18.20 10.38
N GLU F 16 36.96 19.20 9.63
CA GLU F 16 38.41 19.43 9.53
C GLU F 16 39.08 18.17 8.98
C1 NAG G . -18.19 -16.40 6.03
C2 NAG G . -19.15 -15.52 6.83
C3 NAG G . -18.52 -14.89 8.13
C4 NAG G . -17.55 -15.85 8.91
C5 NAG G . -16.70 -16.66 7.84
C6 NAG G . -15.65 -17.67 8.27
C7 NAG G . -20.97 -14.17 5.78
C8 NAG G . -21.27 -12.69 6.00
N2 NAG G . -19.67 -14.55 5.84
O3 NAG G . -19.57 -14.52 9.02
O4 NAG G . -16.74 -15.09 9.79
O5 NAG G . -17.64 -17.36 6.98
O6 NAG G . -16.35 -18.75 8.89
O7 NAG G . -21.86 -14.96 5.55
C1 NAG H . 12.13 17.77 -5.64
C2 NAG H . 11.04 17.01 -6.40
C3 NAG H . 11.57 16.23 -7.66
C4 NAG H . 12.62 17.04 -8.51
C5 NAG H . 13.62 17.74 -7.50
C6 NAG H . 14.78 18.60 -8.00
C7 NAG H . 9.04 16.06 -5.30
C8 NAG H . 8.47 14.72 -4.82
N2 NAG H . 10.39 16.18 -5.39
O3 NAG H . 10.46 15.94 -8.50
O4 NAG H . 13.27 16.13 -9.39
O5 NAG H . 12.81 18.60 -6.63
O6 NAG H . 14.30 19.29 -9.17
O7 NAG H . 8.27 16.98 -5.57
#